data_9IY9
#
_entry.id   9IY9
#
_cell.length_a   102.867
_cell.length_b   102.867
_cell.length_c   161.968
_cell.angle_alpha   90.000
_cell.angle_beta   90.000
_cell.angle_gamma   120.000
#
_symmetry.space_group_name_H-M   'P 65 2 2'
#
loop_
_entity.id
_entity.type
_entity.pdbx_description
1 polymer 'Exported protein'
2 water water
#
_entity_poly.entity_id   1
_entity_poly.type   'polypeptide(L)'
_entity_poly.pdbx_seq_one_letter_code
;SQSADERIGTFLNQADWFGLEKNYPILKDS(MSE)QADFLKL(MSE)SEALIGYYFNRPDEALQSIHKLLVNHQAEIGGQ
NALN(MSE)AILACQIDGLKGNYATAAQNSRSI(MSE)EQLKQQSAEQG(MSE)YKSLEGICYFYDQLKNIPAPGITCPQ
EDIIIPVDIEKVKLPTSIEPKGWRGTTILIPVTINGKTYQFIFDTGAGTSY(MSE)SQR(MSE)AKETGVRILSDSLVIN
SNLPGA(MSE)TGNFGTLEN(MSE)QIGSITFHNSLITIAPPNEFDSI(MSE)IVDAVLG(MSE)DFIGLFDEVRIYPKD
KKIVFPKSSTPLPSYGRNL(MSE)KVDRALKLKAQANGETL(MSE)LHFDTGNSTAGLFYQYYEKHKAEFESIGKKEKIT
GGGFNHVVTKDILRLPSFD(MSE)EIGDATAHLKNLAVDITPNGIPAEDDGNIG(MSE)D(MSE)INQFDCVTINLKD
(MSE)FLKLE
;
_entity_poly.pdbx_strand_id   A
#
# COMPACT_ATOMS: atom_id res chain seq x y z
N SER A 1 6.49 12.69 -35.08
CA SER A 1 5.36 11.76 -35.26
C SER A 1 5.74 10.30 -35.08
N GLN A 2 5.18 9.65 -34.06
CA GLN A 2 5.61 8.32 -33.64
C GLN A 2 4.49 7.30 -33.77
N SER A 3 4.87 6.04 -33.99
CA SER A 3 3.90 4.97 -34.05
C SER A 3 3.33 4.69 -32.67
N ALA A 4 2.19 3.97 -32.66
CA ALA A 4 1.61 3.56 -31.39
C ALA A 4 2.56 2.70 -30.58
N ASP A 5 3.33 1.82 -31.24
CA ASP A 5 4.30 0.97 -30.54
C ASP A 5 5.42 1.80 -29.93
N GLU A 6 5.86 2.86 -30.62
CA GLU A 6 6.90 3.71 -30.08
C GLU A 6 6.38 4.52 -28.89
N ARG A 7 5.17 5.06 -29.00
CA ARG A 7 4.67 5.90 -27.91
C ARG A 7 4.46 5.08 -26.65
N ILE A 8 3.86 3.89 -26.78
CA ILE A 8 3.68 3.02 -25.61
C ILE A 8 5.02 2.61 -25.04
N GLY A 9 6.00 2.33 -25.92
CA GLY A 9 7.33 2.01 -25.44
C GLY A 9 7.96 3.13 -24.65
N THR A 10 7.64 4.37 -24.99
CA THR A 10 8.16 5.50 -24.21
C THR A 10 7.56 5.52 -22.81
N PHE A 11 6.26 5.24 -22.67
CA PHE A 11 5.64 5.21 -21.35
C PHE A 11 6.30 4.18 -20.45
N LEU A 12 6.67 3.02 -21.01
CA LEU A 12 7.41 2.01 -20.26
C LEU A 12 8.80 2.51 -19.87
N ASN A 13 9.58 3.02 -20.84
CA ASN A 13 10.92 3.51 -20.52
C ASN A 13 10.89 4.59 -19.46
N GLN A 14 9.95 5.53 -19.56
CA GLN A 14 9.87 6.59 -18.56
C GLN A 14 9.30 6.11 -17.24
N ALA A 15 8.76 4.89 -17.18
CA ALA A 15 8.05 4.38 -16.01
C ALA A 15 6.84 5.25 -15.67
N ASP A 16 6.19 5.78 -16.70
CA ASP A 16 5.04 6.66 -16.54
C ASP A 16 3.77 5.82 -16.53
N TRP A 17 3.47 5.25 -15.36
CA TRP A 17 2.38 4.28 -15.28
C TRP A 17 1.01 4.92 -15.41
N PHE A 18 0.85 6.15 -14.90
CA PHE A 18 -0.40 6.84 -15.18
C PHE A 18 -0.54 7.13 -16.67
N GLY A 19 0.56 7.54 -17.30
CA GLY A 19 0.52 7.75 -18.74
C GLY A 19 0.22 6.49 -19.52
N LEU A 20 0.83 5.37 -19.11
CA LEU A 20 0.60 4.09 -19.78
C LEU A 20 -0.84 3.64 -19.62
N GLU A 21 -1.38 3.73 -18.40
CA GLU A 21 -2.75 3.29 -18.16
C GLU A 21 -3.74 4.14 -18.93
N LYS A 22 -3.50 5.45 -19.01
CA LYS A 22 -4.43 6.37 -19.68
C LYS A 22 -4.40 6.25 -21.21
N ASN A 23 -3.23 5.96 -21.79
CA ASN A 23 -3.08 5.97 -23.24
C ASN A 23 -3.19 4.61 -23.88
N TYR A 24 -2.91 3.54 -23.15
CA TYR A 24 -2.99 2.21 -23.76
C TYR A 24 -4.36 1.89 -24.35
N PRO A 25 -5.48 2.13 -23.67
CA PRO A 25 -6.78 1.74 -24.28
C PRO A 25 -6.99 2.29 -25.68
N ILE A 26 -6.72 3.56 -25.92
CA ILE A 26 -6.94 4.11 -27.26
C ILE A 26 -5.82 3.69 -28.22
N LEU A 27 -4.58 3.59 -27.74
CA LEU A 27 -3.47 3.26 -28.62
C LEU A 27 -3.41 1.77 -28.97
N LYS A 28 -3.96 0.91 -28.10
CA LYS A 28 -3.91 -0.55 -28.27
C LYS A 28 -4.16 -1.00 -29.70
N ASP A 29 -5.22 -0.49 -30.32
CA ASP A 29 -5.66 -0.97 -31.62
C ASP A 29 -4.81 -0.46 -32.77
N SER A 30 -3.77 0.32 -32.48
CA SER A 30 -2.83 0.75 -33.50
C SER A 30 -1.46 0.12 -33.33
N MSE A 31 -1.28 -0.73 -32.33
CA MSE A 31 0.02 -1.36 -32.10
C MSE A 31 0.19 -2.62 -32.91
O MSE A 31 -0.77 -3.33 -33.19
CB MSE A 31 0.19 -1.65 -30.61
CG MSE A 31 0.29 -0.42 -29.78
SE MSE A 31 0.23 -0.87 -27.91
CE MSE A 31 2.04 -1.59 -27.71
N GLN A 32 1.43 -2.91 -33.31
CA GLN A 32 1.72 -4.15 -34.01
C GLN A 32 2.53 -5.13 -33.19
N ALA A 33 3.23 -4.67 -32.15
CA ALA A 33 4.14 -5.52 -31.38
C ALA A 33 3.34 -6.17 -30.26
N ASP A 34 2.93 -7.43 -30.49
CA ASP A 34 2.09 -8.13 -29.52
C ASP A 34 2.78 -8.28 -28.16
N PHE A 35 4.10 -8.51 -28.16
CA PHE A 35 4.80 -8.61 -26.88
C PHE A 35 4.70 -7.30 -26.09
N LEU A 36 4.66 -6.18 -26.80
CA LEU A 36 4.63 -4.89 -26.11
C LEU A 36 3.23 -4.59 -25.59
N LYS A 37 2.20 -4.98 -26.33
CA LYS A 37 0.84 -4.90 -25.82
C LYS A 37 0.70 -5.76 -24.57
N LEU A 38 1.26 -6.98 -24.58
CA LEU A 38 1.13 -7.86 -23.42
C LEU A 38 1.87 -7.28 -22.22
N MSE A 39 3.07 -6.75 -22.41
CA MSE A 39 3.83 -6.18 -21.29
C MSE A 39 3.12 -4.96 -20.72
O MSE A 39 3.20 -4.70 -19.52
CB MSE A 39 5.25 -5.83 -21.71
CG MSE A 39 6.14 -7.04 -21.94
SE MSE A 39 7.98 -6.56 -22.41
CE MSE A 39 8.51 -5.71 -20.73
N SER A 40 2.44 -4.20 -21.58
CA SER A 40 1.67 -3.06 -21.11
C SER A 40 0.50 -3.51 -20.23
N GLU A 41 -0.23 -4.54 -20.66
CA GLU A 41 -1.36 -5.02 -19.88
C GLU A 41 -0.92 -5.60 -18.56
N ALA A 42 0.27 -6.19 -18.52
CA ALA A 42 0.75 -6.77 -17.27
C ALA A 42 1.16 -5.68 -16.29
N LEU A 43 1.89 -4.67 -16.78
CA LEU A 43 2.30 -3.58 -15.91
C LEU A 43 1.12 -2.72 -15.49
N ILE A 44 0.12 -2.55 -16.35
CA ILE A 44 -1.07 -1.82 -15.94
C ILE A 44 -1.80 -2.58 -14.83
N GLY A 45 -2.06 -3.87 -15.05
CA GLY A 45 -2.82 -4.64 -14.08
C GLY A 45 -2.14 -4.71 -12.73
N TYR A 46 -0.81 -4.70 -12.73
CA TYR A 46 -0.04 -4.70 -11.50
C TYR A 46 -0.24 -3.39 -10.74
N TYR A 47 -0.08 -2.27 -11.43
CA TYR A 47 -0.09 -0.98 -10.76
C TYR A 47 -1.50 -0.44 -10.55
N PHE A 48 -2.50 -0.91 -11.29
CA PHE A 48 -3.85 -0.37 -11.16
C PHE A 48 -4.86 -1.45 -10.80
N ASN A 49 -4.41 -2.43 -10.02
CA ASN A 49 -5.27 -3.37 -9.31
C ASN A 49 -6.14 -4.19 -10.27
N ARG A 50 -5.49 -4.82 -11.25
CA ARG A 50 -6.16 -5.74 -12.17
C ARG A 50 -5.31 -7.02 -12.25
N PRO A 51 -5.26 -7.79 -11.17
CA PRO A 51 -4.27 -8.88 -11.11
C PRO A 51 -4.53 -9.99 -12.11
N ASP A 52 -5.78 -10.39 -12.31
CA ASP A 52 -6.05 -11.48 -13.23
C ASP A 52 -5.70 -11.08 -14.65
N GLU A 53 -5.97 -9.83 -15.03
CA GLU A 53 -5.54 -9.35 -16.33
C GLU A 53 -4.03 -9.44 -16.48
N ALA A 54 -3.30 -8.91 -15.49
CA ALA A 54 -1.84 -9.01 -15.52
C ALA A 54 -1.37 -10.45 -15.62
N LEU A 55 -1.90 -11.34 -14.77
CA LEU A 55 -1.48 -12.75 -14.81
C LEU A 55 -1.73 -13.38 -16.17
N GLN A 56 -2.91 -13.13 -16.76
CA GLN A 56 -3.22 -13.72 -18.06
C GLN A 56 -2.32 -13.18 -19.15
N SER A 57 -1.86 -11.94 -19.00
CA SER A 57 -0.99 -11.36 -20.01
C SER A 57 0.44 -11.87 -19.88
N ILE A 58 0.96 -11.93 -18.65
CA ILE A 58 2.29 -12.49 -18.41
C ILE A 58 2.38 -13.92 -18.95
N HIS A 59 1.38 -14.74 -18.66
CA HIS A 59 1.41 -16.11 -19.14
C HIS A 59 1.43 -16.18 -20.66
N LYS A 60 0.56 -15.41 -21.33
CA LYS A 60 0.57 -15.40 -22.78
C LYS A 60 1.89 -14.85 -23.33
N LEU A 61 2.51 -13.92 -22.60
CA LEU A 61 3.78 -13.36 -23.02
C LEU A 61 4.90 -14.38 -22.94
N LEU A 62 4.88 -15.23 -21.91
CA LEU A 62 5.93 -16.23 -21.76
C LEU A 62 5.67 -17.47 -22.61
N VAL A 63 4.44 -17.68 -23.06
CA VAL A 63 4.18 -18.76 -24.00
C VAL A 63 4.76 -18.41 -25.37
N ASN A 64 4.50 -17.20 -25.85
CA ASN A 64 4.71 -16.86 -27.25
C ASN A 64 5.91 -15.99 -27.55
N HIS A 65 6.37 -15.17 -26.61
CA HIS A 65 7.28 -14.09 -27.00
C HIS A 65 8.58 -14.07 -26.21
N GLN A 66 8.97 -15.19 -25.59
CA GLN A 66 10.20 -15.16 -24.80
C GLN A 66 11.40 -14.81 -25.66
N ALA A 67 11.48 -15.39 -26.86
CA ALA A 67 12.67 -15.21 -27.69
C ALA A 67 12.88 -13.75 -28.10
N GLU A 68 11.80 -12.99 -28.29
CA GLU A 68 11.99 -11.63 -28.71
C GLU A 68 11.96 -10.61 -27.57
N ILE A 69 11.42 -10.97 -26.39
CA ILE A 69 11.55 -10.04 -25.28
C ILE A 69 12.91 -10.16 -24.59
N GLY A 70 13.60 -11.28 -24.73
CA GLY A 70 14.91 -11.42 -24.14
C GLY A 70 14.89 -12.18 -22.83
N GLY A 71 16.06 -12.71 -22.46
CA GLY A 71 16.13 -13.58 -21.30
C GLY A 71 15.78 -12.89 -19.99
N GLN A 72 16.27 -11.66 -19.80
CA GLN A 72 16.04 -10.99 -18.54
C GLN A 72 14.59 -10.54 -18.41
N ASN A 73 14.00 -10.04 -19.50
CA ASN A 73 12.61 -9.61 -19.45
C ASN A 73 11.67 -10.78 -19.16
N ALA A 74 11.94 -11.94 -19.77
CA ALA A 74 11.12 -13.11 -19.47
C ALA A 74 11.22 -13.48 -17.99
N LEU A 75 12.44 -13.47 -17.46
CA LEU A 75 12.65 -13.73 -16.04
C LEU A 75 11.99 -12.68 -15.16
N ASN A 76 12.06 -11.40 -15.56
CA ASN A 76 11.44 -10.33 -14.79
C ASN A 76 9.93 -10.47 -14.77
N MSE A 77 9.33 -10.87 -15.90
CA MSE A 77 7.89 -11.01 -15.97
C MSE A 77 7.40 -12.23 -15.21
O MSE A 77 6.34 -12.20 -14.58
CB MSE A 77 7.43 -11.08 -17.43
CG MSE A 77 7.66 -9.80 -18.20
SE MSE A 77 6.60 -8.32 -17.49
CE MSE A 77 5.01 -8.65 -18.52
N ALA A 78 8.17 -13.32 -15.26
CA ALA A 78 7.80 -14.52 -14.51
C ALA A 78 7.81 -14.24 -13.02
N ILE A 79 8.78 -13.46 -12.55
CA ILE A 79 8.85 -13.13 -11.13
C ILE A 79 7.72 -12.19 -10.75
N LEU A 80 7.39 -11.24 -11.63
CA LEU A 80 6.27 -10.33 -11.38
C LEU A 80 4.98 -11.11 -11.16
N ALA A 81 4.71 -12.11 -12.02
CA ALA A 81 3.51 -12.91 -11.87
C ALA A 81 3.50 -13.68 -10.55
N CYS A 82 4.68 -14.07 -10.04
CA CYS A 82 4.72 -14.72 -8.72
C CYS A 82 4.22 -13.77 -7.64
N GLN A 83 4.74 -12.54 -7.63
CA GLN A 83 4.35 -11.64 -6.57
C GLN A 83 2.92 -11.17 -6.75
N ILE A 84 2.44 -11.07 -7.99
CA ILE A 84 1.03 -10.80 -8.23
C ILE A 84 0.19 -11.95 -7.70
N ASP A 85 0.57 -13.19 -8.03
CA ASP A 85 -0.11 -14.36 -7.48
C ASP A 85 -0.12 -14.31 -5.96
N GLY A 86 1.01 -13.94 -5.35
CA GLY A 86 1.08 -13.90 -3.90
C GLY A 86 0.17 -12.85 -3.29
N LEU A 87 0.18 -11.64 -3.87
CA LEU A 87 -0.62 -10.56 -3.32
C LEU A 87 -2.12 -10.83 -3.48
N LYS A 88 -2.49 -11.69 -4.42
CA LYS A 88 -3.87 -12.09 -4.65
C LYS A 88 -4.33 -13.18 -3.69
N GLY A 89 -3.42 -13.82 -2.98
CA GLY A 89 -3.76 -14.96 -2.14
C GLY A 89 -3.70 -16.31 -2.81
N ASN A 90 -3.15 -16.39 -4.02
CA ASN A 90 -2.86 -17.67 -4.66
C ASN A 90 -1.53 -18.20 -4.12
N TYR A 91 -1.54 -18.43 -2.80
CA TYR A 91 -0.34 -18.81 -2.07
C TYR A 91 0.35 -20.04 -2.68
N ALA A 92 -0.42 -21.10 -2.93
CA ALA A 92 0.15 -22.31 -3.52
C ALA A 92 0.75 -22.03 -4.89
N THR A 93 0.06 -21.24 -5.72
CA THR A 93 0.61 -20.96 -7.03
C THR A 93 1.90 -20.16 -6.92
N ALA A 94 1.95 -19.18 -6.02
CA ALA A 94 3.17 -18.39 -5.86
C ALA A 94 4.32 -19.24 -5.38
N ALA A 95 4.08 -20.08 -4.36
CA ALA A 95 5.17 -20.86 -3.79
C ALA A 95 5.71 -21.87 -4.79
N GLN A 96 4.84 -22.36 -5.67
CA GLN A 96 5.26 -23.37 -6.65
C GLN A 96 6.08 -22.75 -7.77
N ASN A 97 5.59 -21.66 -8.36
CA ASN A 97 6.27 -21.09 -9.52
C ASN A 97 7.60 -20.43 -9.13
N SER A 98 7.65 -19.80 -7.95
CA SER A 98 8.89 -19.17 -7.52
C SER A 98 9.95 -20.23 -7.20
N ARG A 99 9.55 -21.32 -6.56
CA ARG A 99 10.46 -22.44 -6.40
C ARG A 99 10.95 -22.93 -7.76
N SER A 100 10.04 -23.03 -8.73
CA SER A 100 10.43 -23.49 -10.06
C SER A 100 11.42 -22.53 -10.70
N ILE A 101 11.26 -21.22 -10.46
CA ILE A 101 12.19 -20.23 -11.01
C ILE A 101 13.54 -20.31 -10.33
N MSE A 102 13.55 -20.43 -9.00
CA MSE A 102 14.77 -20.62 -8.23
C MSE A 102 15.57 -21.78 -8.79
O MSE A 102 16.79 -21.69 -8.93
CB MSE A 102 14.47 -20.89 -6.75
CG MSE A 102 14.40 -19.67 -5.83
SE MSE A 102 16.04 -18.58 -5.76
CE MSE A 102 17.40 -19.95 -5.62
N GLU A 103 14.87 -22.87 -9.13
CA GLU A 103 15.54 -24.07 -9.64
C GLU A 103 16.15 -23.82 -11.01
N GLN A 104 15.43 -23.11 -11.89
CA GLN A 104 16.02 -22.75 -13.18
C GLN A 104 17.21 -21.81 -13.01
N LEU A 105 17.09 -20.87 -12.07
CA LEU A 105 18.20 -19.95 -11.78
C LEU A 105 19.43 -20.71 -11.29
N LYS A 106 19.24 -21.64 -10.36
CA LYS A 106 20.36 -22.45 -9.86
C LYS A 106 21.06 -23.17 -11.00
N GLN A 107 20.29 -23.66 -11.98
CA GLN A 107 20.86 -24.49 -13.03
C GLN A 107 21.60 -23.65 -14.06
N GLN A 108 21.19 -22.41 -14.27
CA GLN A 108 21.99 -21.49 -15.07
C GLN A 108 23.06 -20.80 -14.25
N SER A 109 23.22 -21.18 -12.97
CA SER A 109 24.21 -20.60 -12.08
C SER A 109 24.12 -19.07 -12.05
N ALA A 110 22.89 -18.57 -11.90
CA ALA A 110 22.62 -17.14 -11.82
C ALA A 110 21.85 -16.76 -10.56
N GLU A 111 21.78 -17.65 -9.57
CA GLU A 111 20.92 -17.44 -8.40
C GLU A 111 21.60 -16.65 -7.28
N GLN A 112 22.93 -16.78 -7.13
CA GLN A 112 23.67 -16.00 -6.16
C GLN A 112 23.92 -14.57 -6.64
N GLY A 113 23.48 -14.24 -7.85
CA GLY A 113 23.66 -12.92 -8.40
C GLY A 113 22.65 -11.93 -7.90
N MSE A 114 21.78 -11.45 -8.78
CA MSE A 114 20.85 -10.38 -8.41
C MSE A 114 19.39 -10.84 -8.27
O MSE A 114 18.48 -10.02 -8.25
CB MSE A 114 20.93 -9.25 -9.43
CG MSE A 114 20.93 -9.68 -10.88
SE MSE A 114 20.35 -8.24 -12.06
CE MSE A 114 21.16 -6.73 -11.13
N TYR A 115 19.17 -12.15 -8.19
CA TYR A 115 17.84 -12.68 -7.91
C TYR A 115 17.82 -13.51 -6.64
N LYS A 116 18.86 -13.41 -5.81
CA LYS A 116 18.85 -14.06 -4.51
C LYS A 116 17.71 -13.57 -3.63
N SER A 117 17.19 -12.37 -3.90
CA SER A 117 16.00 -11.90 -3.20
C SER A 117 14.76 -12.73 -3.53
N LEU A 118 14.77 -13.45 -4.66
CA LEU A 118 13.65 -14.34 -4.99
C LEU A 118 13.53 -15.49 -3.99
N GLU A 119 14.59 -15.76 -3.24
CA GLU A 119 14.62 -16.91 -2.33
C GLU A 119 13.69 -16.71 -1.14
N GLY A 120 13.66 -15.48 -0.60
CA GLY A 120 12.74 -15.20 0.49
C GLY A 120 11.30 -15.22 0.07
N ILE A 121 11.02 -14.81 -1.18
CA ILE A 121 9.66 -14.89 -1.72
C ILE A 121 9.21 -16.35 -1.78
N CYS A 122 10.10 -17.25 -2.18
CA CYS A 122 9.74 -18.66 -2.17
C CYS A 122 9.51 -19.15 -0.75
N TYR A 123 10.36 -18.74 0.19
CA TYR A 123 10.19 -19.18 1.58
C TYR A 123 8.91 -18.62 2.18
N PHE A 124 8.54 -17.39 1.81
CA PHE A 124 7.36 -16.76 2.37
C PHE A 124 6.10 -17.52 2.00
N TYR A 125 5.87 -17.72 0.71
CA TYR A 125 4.61 -18.32 0.28
C TYR A 125 4.60 -19.83 0.47
N ASP A 126 5.77 -20.44 0.68
CA ASP A 126 5.81 -21.85 1.05
C ASP A 126 5.21 -22.08 2.44
N GLN A 127 5.29 -21.08 3.32
CA GLN A 127 4.63 -21.16 4.62
C GLN A 127 3.12 -20.98 4.52
N LEU A 128 2.62 -20.46 3.41
CA LEU A 128 1.20 -20.13 3.25
C LEU A 128 0.47 -21.05 2.28
N LYS A 129 1.18 -21.96 1.62
CA LYS A 129 0.59 -22.70 0.49
C LYS A 129 -0.64 -23.52 0.88
N ASN A 130 -0.86 -23.79 2.17
CA ASN A 130 -2.05 -24.52 2.61
C ASN A 130 -3.02 -23.63 3.38
N ILE A 131 -2.92 -22.32 3.22
CA ILE A 131 -3.78 -21.37 3.90
C ILE A 131 -4.75 -20.79 2.88
N PRO A 132 -6.04 -20.65 3.21
CA PRO A 132 -6.96 -19.97 2.30
C PRO A 132 -6.57 -18.51 2.14
N ALA A 133 -6.89 -17.97 0.97
CA ALA A 133 -6.76 -16.55 0.72
C ALA A 133 -7.76 -15.76 1.57
N PRO A 134 -7.44 -14.50 1.87
CA PRO A 134 -8.42 -13.65 2.56
C PRO A 134 -9.70 -13.50 1.75
N GLY A 135 -10.82 -13.42 2.46
CA GLY A 135 -12.11 -13.24 1.80
C GLY A 135 -13.13 -12.67 2.76
N ILE A 136 -14.20 -12.12 2.19
CA ILE A 136 -15.30 -11.55 2.96
C ILE A 136 -16.60 -12.20 2.56
N THR A 137 -17.56 -12.15 3.49
CA THR A 137 -18.98 -12.25 3.19
C THR A 137 -19.68 -11.04 3.79
N CYS A 138 -20.73 -10.59 3.13
CA CYS A 138 -21.47 -9.43 3.61
C CYS A 138 -22.76 -9.29 2.80
N PRO A 139 -23.79 -8.67 3.38
CA PRO A 139 -25.03 -8.48 2.63
C PRO A 139 -24.87 -7.46 1.51
N GLN A 140 -25.72 -7.59 0.49
CA GLN A 140 -25.71 -6.68 -0.66
C GLN A 140 -26.49 -5.43 -0.29
N GLU A 141 -25.80 -4.51 0.36
CA GLU A 141 -26.39 -3.25 0.82
C GLU A 141 -25.24 -2.34 1.24
N ASP A 142 -25.56 -1.07 1.41
CA ASP A 142 -24.64 -0.16 2.06
C ASP A 142 -24.40 -0.61 3.51
N ILE A 143 -23.17 -0.95 3.83
CA ILE A 143 -22.80 -1.40 5.17
C ILE A 143 -22.12 -0.24 5.88
N ILE A 144 -22.73 0.21 6.98
CA ILE A 144 -22.35 1.45 7.66
C ILE A 144 -21.81 1.08 9.02
N ILE A 145 -20.56 1.44 9.27
CA ILE A 145 -19.82 1.07 10.47
C ILE A 145 -19.57 2.36 11.27
N PRO A 146 -20.03 2.45 12.51
CA PRO A 146 -19.62 3.58 13.35
C PRO A 146 -18.18 3.43 13.81
N VAL A 147 -17.41 4.52 13.74
CA VAL A 147 -16.01 4.49 14.09
C VAL A 147 -15.73 5.62 15.07
N ASP A 148 -14.57 5.53 15.71
CA ASP A 148 -14.01 6.59 16.51
C ASP A 148 -12.82 7.19 15.78
N ILE A 149 -12.68 8.50 15.90
CA ILE A 149 -11.48 9.19 15.41
C ILE A 149 -10.88 9.89 16.62
N GLU A 150 -9.81 9.32 17.14
CA GLU A 150 -9.25 9.70 18.43
C GLU A 150 -7.87 10.31 18.26
N LYS A 151 -7.54 11.25 19.14
CA LYS A 151 -6.18 11.76 19.21
C LYS A 151 -5.22 10.63 19.60
N VAL A 152 -4.06 10.59 18.93
CA VAL A 152 -3.03 9.59 19.17
C VAL A 152 -2.21 10.05 20.38
N LYS A 153 -2.51 9.52 21.55
CA LYS A 153 -1.76 9.87 22.75
C LYS A 153 -0.31 9.39 22.66
N LEU A 154 0.62 10.27 22.99
CA LEU A 154 2.04 10.02 23.10
C LEU A 154 2.52 10.50 24.47
N PRO A 155 3.59 9.90 25.01
CA PRO A 155 4.13 10.43 26.26
C PRO A 155 4.65 11.84 26.04
N THR A 156 4.49 12.68 27.07
CA THR A 156 4.80 14.09 26.89
C THR A 156 6.30 14.33 26.75
N SER A 157 7.13 13.37 27.16
CA SER A 157 8.56 13.46 26.93
C SER A 157 8.91 13.57 25.45
N ILE A 158 8.02 13.13 24.57
CA ILE A 158 8.26 13.23 23.13
C ILE A 158 7.29 14.19 22.45
N GLU A 159 6.11 14.44 23.03
CA GLU A 159 5.12 15.34 22.45
C GLU A 159 4.46 16.08 23.61
N PRO A 160 4.91 17.30 23.94
CA PRO A 160 4.46 17.95 25.18
C PRO A 160 2.95 18.13 25.31
N LYS A 161 2.20 18.26 24.22
CA LYS A 161 0.75 18.35 24.34
C LYS A 161 0.09 16.98 24.55
N GLY A 162 0.85 15.89 24.48
CA GLY A 162 0.35 14.57 24.79
C GLY A 162 -0.38 13.86 23.67
N TRP A 163 -0.35 14.39 22.45
CA TRP A 163 -0.92 13.66 21.31
C TRP A 163 -0.27 14.19 20.04
N ARG A 164 -0.37 13.41 18.97
CA ARG A 164 0.08 13.85 17.66
C ARG A 164 -0.89 13.29 16.64
N GLY A 165 -1.76 14.13 16.11
CA GLY A 165 -2.67 13.69 15.09
C GLY A 165 -3.71 12.72 15.60
N THR A 166 -4.35 12.06 14.65
CA THR A 166 -5.51 11.22 14.93
C THR A 166 -5.34 9.86 14.28
N THR A 167 -6.28 8.98 14.59
CA THR A 167 -6.36 7.65 14.01
C THR A 167 -7.82 7.25 13.96
N ILE A 168 -8.15 6.37 13.01
CA ILE A 168 -9.49 5.80 12.85
C ILE A 168 -9.51 4.45 13.54
N LEU A 169 -10.40 4.29 14.51
CA LEU A 169 -10.59 3.04 15.23
C LEU A 169 -11.90 2.42 14.77
N ILE A 170 -11.84 1.22 14.21
CA ILE A 170 -13.00 0.54 13.66
C ILE A 170 -13.33 -0.65 14.54
N PRO A 171 -14.59 -0.86 14.92
CA PRO A 171 -14.92 -1.97 15.82
C PRO A 171 -14.82 -3.30 15.10
N VAL A 172 -14.15 -4.25 15.73
CA VAL A 172 -14.03 -5.61 15.22
C VAL A 172 -14.38 -6.55 16.37
N THR A 173 -15.20 -7.55 16.08
CA THR A 173 -15.60 -8.54 17.08
C THR A 173 -14.98 -9.87 16.75
N ILE A 174 -14.37 -10.51 17.76
CA ILE A 174 -13.70 -11.79 17.60
C ILE A 174 -14.05 -12.64 18.82
N ASN A 175 -14.68 -13.79 18.59
CA ASN A 175 -15.04 -14.72 19.66
C ASN A 175 -15.92 -14.04 20.71
N GLY A 176 -16.80 -13.17 20.25
CA GLY A 176 -17.77 -12.53 21.12
C GLY A 176 -17.32 -11.24 21.76
N LYS A 177 -16.03 -10.90 21.72
CA LYS A 177 -15.53 -9.66 22.30
C LYS A 177 -15.22 -8.66 21.19
N THR A 178 -15.55 -7.39 21.43
CA THR A 178 -15.36 -6.34 20.43
C THR A 178 -14.10 -5.54 20.73
N TYR A 179 -13.23 -5.42 19.73
CA TYR A 179 -12.00 -4.68 19.86
C TYR A 179 -12.03 -3.47 18.93
N GLN A 180 -11.17 -2.50 19.22
CA GLN A 180 -10.92 -1.39 18.32
C GLN A 180 -9.64 -1.65 17.56
N PHE A 181 -9.73 -1.61 16.24
CA PHE A 181 -8.60 -1.76 15.32
C PHE A 181 -8.33 -0.43 14.64
N ILE A 182 -7.06 -0.16 14.36
CA ILE A 182 -6.70 0.97 13.52
C ILE A 182 -7.03 0.64 12.07
N PHE A 183 -7.65 1.59 11.38
CA PHE A 183 -8.00 1.42 9.96
C PHE A 183 -6.84 1.98 9.15
N ASP A 184 -5.99 1.10 8.62
CA ASP A 184 -4.67 1.52 8.12
C ASP A 184 -4.46 1.05 6.69
N THR A 185 -4.74 1.95 5.73
CA THR A 185 -4.33 1.73 4.34
C THR A 185 -2.83 1.58 4.21
N GLY A 186 -2.05 2.14 5.15
CA GLY A 186 -0.60 1.99 5.14
C GLY A 186 -0.11 0.65 5.63
N ALA A 187 -0.99 -0.16 6.21
CA ALA A 187 -0.64 -1.50 6.68
C ALA A 187 -0.80 -2.48 5.51
N GLY A 188 0.32 -3.00 5.02
CA GLY A 188 0.27 -3.89 3.87
C GLY A 188 -0.59 -5.12 4.11
N THR A 189 -0.51 -5.67 5.31
CA THR A 189 -1.50 -6.63 5.78
C THR A 189 -1.88 -6.27 7.21
N SER A 190 -2.94 -6.91 7.71
CA SER A 190 -3.33 -6.69 9.09
C SER A 190 -2.20 -7.10 10.03
N TYR A 191 -2.28 -6.60 11.26
CA TYR A 191 -1.15 -6.59 12.17
C TYR A 191 -1.67 -6.69 13.59
N MSE A 192 -1.01 -7.50 14.41
CA MSE A 192 -1.39 -7.63 15.82
C MSE A 192 -0.20 -7.69 16.77
O MSE A 192 0.84 -8.25 16.44
CB MSE A 192 -2.24 -8.88 16.05
CG MSE A 192 -3.68 -8.71 15.74
SE MSE A 192 -4.64 -10.31 16.30
CE MSE A 192 -6.40 -9.91 15.56
N SER A 193 -0.38 -7.12 17.95
CA SER A 193 0.60 -7.32 19.01
C SER A 193 0.60 -8.80 19.42
N GLN A 194 1.71 -9.20 20.03
CA GLN A 194 1.82 -10.56 20.56
C GLN A 194 0.71 -10.87 21.54
N ARG A 195 0.35 -9.92 22.41
CA ARG A 195 -0.71 -10.19 23.37
C ARG A 195 -2.08 -10.21 22.70
N MSE A 196 -2.27 -9.43 21.64
CA MSE A 196 -3.54 -9.47 20.92
C MSE A 196 -3.72 -10.82 20.23
O MSE A 196 -4.81 -11.40 20.25
CB MSE A 196 -3.64 -8.34 19.89
CG MSE A 196 -4.61 -7.22 20.30
SE MSE A 196 -6.44 -7.81 20.67
CE MSE A 196 -7.20 -7.70 18.88
N ALA A 197 -2.65 -11.32 19.61
CA ALA A 197 -2.74 -12.59 18.91
C ALA A 197 -3.00 -13.74 19.87
N LYS A 198 -2.46 -13.68 21.07
CA LYS A 198 -2.72 -14.72 22.05
C LYS A 198 -4.16 -14.64 22.55
N GLU A 199 -4.65 -13.44 22.82
CA GLU A 199 -6.02 -13.29 23.32
C GLU A 199 -7.05 -13.74 22.27
N THR A 200 -6.88 -13.29 21.03
CA THR A 200 -7.80 -13.67 19.97
C THR A 200 -7.55 -15.07 19.42
N GLY A 201 -6.60 -15.82 19.98
CA GLY A 201 -6.29 -17.16 19.50
C GLY A 201 -5.87 -17.22 18.05
N VAL A 202 -4.89 -16.39 17.67
CA VAL A 202 -4.39 -16.40 16.29
C VAL A 202 -3.64 -17.69 16.01
N ARG A 203 -3.86 -18.25 14.82
CA ARG A 203 -3.15 -19.44 14.35
C ARG A 203 -1.79 -19.01 13.78
N ILE A 204 -0.72 -19.26 14.52
CA ILE A 204 0.60 -18.80 14.11
C ILE A 204 1.15 -19.70 13.01
N LEU A 205 1.69 -19.09 11.96
CA LEU A 205 2.08 -19.82 10.77
C LEU A 205 3.59 -19.87 10.55
N SER A 206 4.35 -18.92 11.06
CA SER A 206 5.80 -18.99 10.94
C SER A 206 6.43 -18.18 12.04
N ASP A 207 7.63 -18.58 12.42
CA ASP A 207 8.44 -17.86 13.39
C ASP A 207 9.71 -17.26 12.79
N SER A 208 10.08 -17.68 11.57
CA SER A 208 11.38 -17.37 10.99
C SER A 208 11.22 -16.98 9.52
N LEU A 209 10.60 -15.82 9.28
CA LEU A 209 10.56 -15.20 7.96
C LEU A 209 11.63 -14.11 7.88
N VAL A 210 12.16 -13.91 6.68
CA VAL A 210 13.05 -12.77 6.43
C VAL A 210 12.18 -11.52 6.35
N ILE A 211 12.49 -10.53 7.19
CA ILE A 211 11.67 -9.32 7.23
C ILE A 211 11.82 -8.58 5.91
N ASN A 212 10.71 -8.45 5.18
CA ASN A 212 10.69 -7.94 3.82
C ASN A 212 9.81 -6.71 3.73
N SER A 213 10.33 -5.64 3.14
CA SER A 213 9.59 -4.39 3.05
C SER A 213 8.38 -4.52 2.13
N ASN A 214 8.55 -5.16 0.97
CA ASN A 214 7.49 -5.27 -0.02
C ASN A 214 6.67 -6.54 0.12
N LEU A 215 7.02 -7.46 1.03
CA LEU A 215 6.21 -8.64 1.27
C LEU A 215 5.19 -8.34 2.35
N PRO A 216 3.90 -8.20 2.03
CA PRO A 216 2.90 -7.92 3.07
C PRO A 216 2.74 -9.07 4.05
N GLY A 217 3.36 -8.97 5.21
CA GLY A 217 3.24 -10.02 6.21
C GLY A 217 4.58 -10.49 6.73
N ALA A 218 5.65 -9.89 6.23
CA ALA A 218 7.02 -10.16 6.69
C ALA A 218 7.63 -8.93 7.33
N MSE A 219 6.86 -8.18 8.11
CA MSE A 219 7.36 -6.95 8.73
C MSE A 219 8.15 -7.21 10.01
O MSE A 219 9.02 -6.42 10.42
CB MSE A 219 6.21 -6.00 9.01
CG MSE A 219 6.65 -4.61 9.47
SE MSE A 219 5.28 -3.76 10.56
CE MSE A 219 6.13 -2.02 10.82
N THR A 220 7.84 -8.31 10.68
CA THR A 220 8.45 -8.64 11.96
C THR A 220 9.07 -10.02 12.03
N GLY A 221 8.78 -10.92 11.07
CA GLY A 221 9.25 -12.28 11.09
C GLY A 221 8.20 -13.31 11.47
N ASN A 222 7.23 -12.93 12.30
CA ASN A 222 6.18 -13.84 12.76
C ASN A 222 4.85 -13.40 12.17
N PHE A 223 4.18 -14.31 11.46
CA PHE A 223 2.84 -14.03 10.99
C PHE A 223 1.91 -15.20 11.29
N GLY A 224 0.62 -14.91 11.24
CA GLY A 224 -0.39 -15.89 11.56
C GLY A 224 -1.68 -15.56 10.87
N THR A 225 -2.74 -16.28 11.21
CA THR A 225 -4.00 -16.14 10.51
C THR A 225 -5.14 -16.29 11.49
N LEU A 226 -6.30 -15.78 11.10
CA LEU A 226 -7.51 -15.84 11.93
C LEU A 226 -8.67 -16.21 11.03
N GLU A 227 -9.39 -17.27 11.41
CA GLU A 227 -10.43 -17.80 10.54
C GLU A 227 -11.54 -16.78 10.32
N ASN A 228 -11.88 -16.05 11.37
CA ASN A 228 -13.18 -15.38 11.43
C ASN A 228 -13.03 -14.06 12.17
N MSE A 229 -13.40 -12.98 11.49
CA MSE A 229 -13.38 -11.65 12.08
C MSE A 229 -14.66 -10.97 11.67
O MSE A 229 -15.08 -11.08 10.52
CB MSE A 229 -12.17 -10.86 11.59
CG MSE A 229 -11.33 -10.22 12.66
SE MSE A 229 -9.87 -9.23 11.85
CE MSE A 229 -8.60 -10.70 11.61
N GLN A 230 -15.30 -10.26 12.59
CA GLN A 230 -16.61 -9.65 12.33
C GLN A 230 -16.48 -8.14 12.39
N ILE A 231 -16.72 -7.48 11.27
CA ILE A 231 -16.77 -6.01 11.17
C ILE A 231 -18.19 -5.66 10.77
N GLY A 232 -19.06 -5.42 11.75
CA GLY A 232 -20.46 -5.23 11.43
C GLY A 232 -21.04 -6.47 10.80
N SER A 233 -21.82 -6.26 9.74
CA SER A 233 -22.40 -7.37 8.99
C SER A 233 -21.41 -8.04 8.05
N ILE A 234 -20.19 -7.54 7.97
CA ILE A 234 -19.12 -8.14 7.19
C ILE A 234 -18.44 -9.20 8.03
N THR A 235 -18.19 -10.36 7.45
CA THR A 235 -17.31 -11.35 8.06
C THR A 235 -16.04 -11.48 7.22
N PHE A 236 -14.90 -11.32 7.87
CA PHE A 236 -13.57 -11.34 7.24
C PHE A 236 -12.90 -12.67 7.58
N HIS A 237 -12.58 -13.45 6.55
CA HIS A 237 -12.07 -14.81 6.72
C HIS A 237 -10.60 -14.92 6.30
N ASN A 238 -9.83 -15.66 7.11
CA ASN A 238 -8.45 -16.04 6.79
C ASN A 238 -7.55 -14.83 6.57
N SER A 239 -7.66 -13.85 7.44
CA SER A 239 -6.76 -12.71 7.44
C SER A 239 -5.32 -13.18 7.58
N LEU A 240 -4.41 -12.52 6.89
CA LEU A 240 -2.98 -12.72 7.07
C LEU A 240 -2.47 -11.64 8.00
N ILE A 241 -1.96 -12.03 9.16
CA ILE A 241 -1.72 -11.10 10.28
C ILE A 241 -0.24 -11.09 10.60
N THR A 242 0.36 -9.91 10.53
CA THR A 242 1.71 -9.73 11.06
C THR A 242 1.67 -9.68 12.59
N ILE A 243 2.49 -10.48 13.26
CA ILE A 243 2.48 -10.56 14.72
C ILE A 243 3.78 -9.98 15.26
N ALA A 244 3.66 -8.92 16.07
CA ALA A 244 4.80 -8.14 16.53
C ALA A 244 5.09 -8.40 18.00
N PRO A 245 6.33 -8.72 18.34
CA PRO A 245 6.69 -8.91 19.74
C PRO A 245 6.99 -7.59 20.40
N PRO A 246 7.02 -7.53 21.74
CA PRO A 246 7.36 -6.27 22.40
C PRO A 246 8.69 -5.76 21.92
N ASN A 247 8.73 -4.48 21.53
CA ASN A 247 9.93 -3.87 21.00
C ASN A 247 10.03 -2.44 21.52
N GLU A 248 11.13 -1.75 21.15
CA GLU A 248 11.42 -0.42 21.69
C GLU A 248 10.37 0.61 21.31
N PHE A 249 9.72 0.45 20.16
CA PHE A 249 8.68 1.39 19.76
C PHE A 249 7.51 1.42 20.75
N ASP A 250 7.39 0.42 21.62
CA ASP A 250 6.35 0.43 22.63
C ASP A 250 6.49 1.62 23.58
N SER A 251 7.72 2.10 23.78
CA SER A 251 7.90 3.25 24.65
C SER A 251 7.37 4.52 24.01
N ILE A 252 7.19 4.53 22.70
CA ILE A 252 6.49 5.62 22.03
C ILE A 252 4.99 5.42 22.12
N MSE A 253 4.54 4.20 21.84
CA MSE A 253 3.13 3.87 21.72
C MSE A 253 2.96 2.37 21.49
O MSE A 253 3.75 1.73 20.80
CB MSE A 253 2.51 4.68 20.58
CG MSE A 253 1.58 3.92 19.69
SE MSE A 253 1.05 5.05 18.21
CE MSE A 253 2.76 5.40 17.41
N ILE A 254 1.91 1.80 22.09
CA ILE A 254 1.64 0.38 21.99
C ILE A 254 0.57 0.19 20.92
N VAL A 255 0.87 -0.65 19.93
CA VAL A 255 -0.02 -0.91 18.82
C VAL A 255 -0.52 -2.35 18.93
N ASP A 256 -1.78 -2.52 19.30
CA ASP A 256 -2.26 -3.86 19.60
C ASP A 256 -2.90 -4.54 18.39
N ALA A 257 -3.67 -3.78 17.59
CA ALA A 257 -4.45 -4.37 16.50
C ALA A 257 -4.61 -3.35 15.40
N VAL A 258 -4.35 -3.78 14.15
CA VAL A 258 -4.45 -2.91 12.99
C VAL A 258 -5.11 -3.67 11.85
N LEU A 259 -6.18 -3.10 11.30
CA LEU A 259 -6.90 -3.68 10.17
C LEU A 259 -6.31 -3.12 8.88
N GLY A 260 -5.71 -3.97 8.06
CA GLY A 260 -4.94 -3.49 6.94
C GLY A 260 -5.46 -3.87 5.56
N MSE A 261 -4.57 -3.84 4.57
CA MSE A 261 -4.97 -3.95 3.18
C MSE A 261 -5.46 -5.33 2.74
O MSE A 261 -6.14 -5.44 1.72
CB MSE A 261 -3.82 -3.52 2.27
CG MSE A 261 -3.62 -2.02 2.20
SE MSE A 261 -5.12 -1.07 1.41
CE MSE A 261 -4.95 -1.75 -0.42
N ASP A 262 -5.11 -6.40 3.47
CA ASP A 262 -5.70 -7.68 3.13
C ASP A 262 -7.21 -7.62 3.31
N PHE A 263 -7.69 -6.81 4.24
CA PHE A 263 -9.13 -6.54 4.34
C PHE A 263 -9.57 -5.48 3.34
N ILE A 264 -8.94 -4.31 3.39
CA ILE A 264 -9.42 -3.15 2.63
C ILE A 264 -9.43 -3.45 1.14
N GLY A 265 -8.37 -4.09 0.63
CA GLY A 265 -8.25 -4.39 -0.78
C GLY A 265 -9.36 -5.27 -1.34
N LEU A 266 -10.13 -5.94 -0.49
CA LEU A 266 -11.23 -6.78 -0.97
C LEU A 266 -12.43 -5.99 -1.45
N PHE A 267 -12.45 -4.67 -1.28
CA PHE A 267 -13.63 -3.87 -1.60
C PHE A 267 -13.39 -3.03 -2.85
N ASP A 268 -14.46 -2.86 -3.63
CA ASP A 268 -14.39 -1.92 -4.73
C ASP A 268 -14.21 -0.49 -4.22
N GLU A 269 -14.82 -0.15 -3.09
CA GLU A 269 -14.86 1.24 -2.63
C GLU A 269 -15.07 1.28 -1.13
N VAL A 270 -14.41 2.22 -0.45
CA VAL A 270 -14.63 2.51 0.96
C VAL A 270 -14.80 4.01 1.10
N ARG A 271 -15.79 4.42 1.89
CA ARG A 271 -16.08 5.83 2.12
C ARG A 271 -15.91 6.13 3.60
N ILE A 272 -15.08 7.13 3.91
CA ILE A 272 -14.84 7.55 5.28
C ILE A 272 -15.52 8.91 5.48
N TYR A 273 -16.42 8.98 6.46
CA TYR A 273 -17.09 10.23 6.82
C TYR A 273 -16.52 10.72 8.15
N PRO A 274 -15.43 11.50 8.12
CA PRO A 274 -14.75 11.83 9.40
C PRO A 274 -15.65 12.60 10.37
N LYS A 275 -16.34 13.64 9.89
CA LYS A 275 -17.20 14.41 10.79
C LYS A 275 -18.38 13.58 11.28
N ASP A 276 -18.97 12.76 10.43
CA ASP A 276 -20.03 11.88 10.89
C ASP A 276 -19.52 10.65 11.61
N LYS A 277 -18.21 10.41 11.59
CA LYS A 277 -17.58 9.29 12.28
C LYS A 277 -18.20 7.96 11.85
N LYS A 278 -18.15 7.71 10.55
CA LYS A 278 -18.69 6.49 10.00
C LYS A 278 -17.87 6.07 8.79
N ILE A 279 -17.78 4.76 8.58
CA ILE A 279 -17.22 4.17 7.37
C ILE A 279 -18.34 3.42 6.67
N VAL A 280 -18.50 3.66 5.38
CA VAL A 280 -19.55 3.01 4.58
C VAL A 280 -18.87 2.15 3.52
N PHE A 281 -19.28 0.88 3.45
CA PHE A 281 -18.86 0.02 2.33
C PHE A 281 -20.04 -0.11 1.38
N PRO A 282 -20.09 0.69 0.33
CA PRO A 282 -21.32 0.84 -0.44
C PRO A 282 -21.62 -0.35 -1.34
N LYS A 283 -22.90 -0.49 -1.68
CA LYS A 283 -23.31 -1.54 -2.61
C LYS A 283 -22.83 -1.25 -4.03
N SER A 284 -22.98 0.00 -4.47
CA SER A 284 -22.49 0.44 -5.75
C SER A 284 -21.37 1.46 -5.55
N SER A 285 -20.48 1.55 -6.54
CA SER A 285 -19.30 2.41 -6.48
C SER A 285 -19.59 3.81 -7.02
N THR A 286 -18.72 4.75 -6.66
CA THR A 286 -18.76 6.08 -7.26
C THR A 286 -18.21 6.03 -8.68
N PRO A 287 -18.75 6.82 -9.61
CA PRO A 287 -18.14 6.89 -10.95
C PRO A 287 -16.79 7.59 -10.91
N LEU A 288 -15.86 7.08 -11.73
CA LEU A 288 -14.50 7.62 -11.89
C LEU A 288 -14.54 9.10 -12.25
N PRO A 289 -14.06 10.00 -11.37
CA PRO A 289 -14.21 11.44 -11.61
C PRO A 289 -13.59 12.00 -12.90
N SER A 290 -13.78 13.31 -13.08
CA SER A 290 -13.17 14.05 -14.19
C SER A 290 -11.69 13.75 -14.31
N TYR A 291 -10.94 13.98 -13.24
CA TYR A 291 -9.49 14.00 -13.24
C TYR A 291 -8.89 12.62 -13.42
N GLY A 292 -9.70 11.58 -13.51
CA GLY A 292 -9.18 10.29 -13.87
C GLY A 292 -8.64 9.53 -12.66
N ARG A 293 -7.94 8.46 -12.97
CA ARG A 293 -7.30 7.68 -11.92
C ARG A 293 -6.16 8.48 -11.31
N ASN A 294 -6.16 8.59 -9.98
CA ASN A 294 -5.06 9.25 -9.27
C ASN A 294 -4.50 8.36 -8.16
N LEU A 295 -4.87 7.09 -8.12
CA LEU A 295 -4.30 6.13 -7.19
C LEU A 295 -3.53 5.07 -7.96
N MSE A 296 -2.52 4.54 -7.30
CA MSE A 296 -1.63 3.56 -7.88
C MSE A 296 -1.28 2.59 -6.75
O MSE A 296 -1.26 2.99 -5.59
CB MSE A 296 -0.39 4.27 -8.45
CG MSE A 296 0.52 3.44 -9.30
SE MSE A 296 2.21 4.44 -9.48
CE MSE A 296 1.93 5.33 -11.16
N LYS A 297 -1.07 1.31 -7.07
CA LYS A 297 -0.72 0.33 -6.06
C LYS A 297 0.64 -0.25 -6.39
N VAL A 298 1.60 -0.04 -5.50
CA VAL A 298 2.95 -0.60 -5.58
C VAL A 298 3.03 -1.67 -4.50
N ASP A 299 3.00 -2.94 -4.90
CA ASP A 299 2.78 -4.06 -3.97
C ASP A 299 1.47 -3.88 -3.21
N ARG A 300 1.57 -3.43 -1.96
CA ARG A 300 0.41 -3.19 -1.12
C ARG A 300 0.16 -1.73 -0.81
N ALA A 301 1.08 -0.86 -1.19
CA ALA A 301 0.98 0.55 -0.87
C ALA A 301 0.14 1.29 -1.92
N LEU A 302 -0.87 2.02 -1.45
CA LEU A 302 -1.57 2.95 -2.30
C LEU A 302 -0.77 4.24 -2.42
N LYS A 303 -0.62 4.75 -3.64
CA LYS A 303 0.11 5.97 -3.89
C LYS A 303 -0.82 6.97 -4.58
N LEU A 304 -0.88 8.18 -4.03
CA LEU A 304 -1.78 9.22 -4.51
C LEU A 304 -1.01 10.17 -5.42
N LYS A 305 -1.59 10.45 -6.58
CA LYS A 305 -1.01 11.40 -7.52
C LYS A 305 -1.67 12.75 -7.27
N ALA A 306 -0.92 13.68 -6.70
CA ALA A 306 -1.43 14.99 -6.32
C ALA A 306 -0.67 16.08 -7.06
N GLN A 307 -1.13 17.31 -6.89
CA GLN A 307 -0.45 18.46 -7.47
C GLN A 307 -0.19 19.50 -6.38
N ALA A 308 0.94 20.18 -6.51
CA ALA A 308 1.25 21.31 -5.65
C ALA A 308 1.93 22.36 -6.50
N ASN A 309 1.37 23.57 -6.50
CA ASN A 309 1.76 24.67 -7.38
C ASN A 309 2.07 24.15 -8.79
N GLY A 310 1.08 23.45 -9.36
CA GLY A 310 1.16 22.97 -10.72
C GLY A 310 2.16 21.86 -10.98
N GLU A 311 2.91 21.42 -9.97
CA GLU A 311 3.87 20.34 -10.12
C GLU A 311 3.31 19.08 -9.48
N THR A 312 3.48 17.95 -10.18
CA THR A 312 3.01 16.66 -9.67
C THR A 312 3.85 16.23 -8.47
N LEU A 313 3.20 15.60 -7.49
CA LEU A 313 3.92 14.88 -6.46
C LEU A 313 3.19 13.60 -6.11
N MSE A 314 3.97 12.58 -5.77
CA MSE A 314 3.44 11.27 -5.41
C MSE A 314 3.47 11.03 -3.90
O MSE A 314 4.52 11.12 -3.27
CB MSE A 314 4.25 10.18 -6.12
CG MSE A 314 4.14 10.24 -7.63
SE MSE A 314 2.32 9.78 -8.16
CE MSE A 314 2.14 8.22 -7.03
N LEU A 315 2.31 10.71 -3.32
CA LEU A 315 2.18 10.57 -1.88
C LEU A 315 1.78 9.15 -1.52
N HIS A 316 2.49 8.56 -0.57
CA HIS A 316 2.02 7.32 0.06
C HIS A 316 0.74 7.62 0.82
N PHE A 317 -0.35 6.95 0.43
CA PHE A 317 -1.67 7.21 1.02
C PHE A 317 -1.85 6.27 2.21
N ASP A 318 -1.74 6.84 3.41
CA ASP A 318 -1.47 6.05 4.63
C ASP A 318 -2.31 6.62 5.76
N THR A 319 -3.50 6.05 5.97
CA THR A 319 -4.34 6.54 7.07
C THR A 319 -3.77 6.21 8.43
N GLY A 320 -2.81 5.27 8.50
CA GLY A 320 -2.11 5.00 9.73
C GLY A 320 -1.09 6.04 10.09
N ASN A 321 -0.86 7.00 9.19
CA ASN A 321 -0.05 8.16 9.51
C ASN A 321 -0.96 9.21 10.16
N SER A 322 -0.62 9.58 11.39
CA SER A 322 -1.55 10.40 12.18
C SER A 322 -1.59 11.85 11.74
N THR A 323 -0.57 12.33 11.02
CA THR A 323 -0.60 13.69 10.48
C THR A 323 -0.32 13.63 9.00
N ALA A 324 0.92 13.90 8.58
CA ALA A 324 1.31 14.09 7.19
C ALA A 324 2.77 14.52 7.15
N GLY A 325 3.48 14.22 6.07
CA GLY A 325 4.86 14.66 5.95
C GLY A 325 5.35 14.58 4.52
N LEU A 326 6.39 15.36 4.24
CA LEU A 326 7.05 15.36 2.94
C LEU A 326 8.46 14.82 3.10
N PHE A 327 8.93 14.05 2.12
CA PHE A 327 10.19 13.36 2.24
C PHE A 327 11.34 14.19 1.66
N TYR A 328 12.56 13.73 1.93
CA TYR A 328 13.74 14.50 1.54
C TYR A 328 13.72 14.89 0.06
N GLN A 329 13.42 13.92 -0.82
CA GLN A 329 13.50 14.18 -2.26
C GLN A 329 12.68 15.40 -2.68
N TYR A 330 11.52 15.63 -2.05
CA TYR A 330 10.70 16.78 -2.39
C TYR A 330 11.26 18.06 -1.80
N TYR A 331 11.67 17.99 -0.53
CA TYR A 331 12.39 19.10 0.11
C TYR A 331 13.54 19.56 -0.76
N GLU A 332 14.33 18.61 -1.25
CA GLU A 332 15.51 18.95 -2.04
C GLU A 332 15.12 19.71 -3.29
N LYS A 333 13.98 19.37 -3.90
CA LYS A 333 13.54 20.07 -5.11
C LYS A 333 13.16 21.51 -4.80
N HIS A 334 12.78 21.80 -3.57
CA HIS A 334 12.34 23.13 -3.18
C HIS A 334 13.11 23.63 -1.96
N LYS A 335 14.41 23.38 -1.93
CA LYS A 335 15.21 23.64 -0.73
C LYS A 335 15.13 25.11 -0.34
N ALA A 336 15.53 26.00 -1.24
CA ALA A 336 15.61 27.43 -0.91
C ALA A 336 14.29 27.96 -0.38
N GLU A 337 13.19 27.64 -1.08
CA GLU A 337 11.86 28.10 -0.65
C GLU A 337 11.51 27.53 0.73
N PHE A 338 11.65 26.22 0.91
CA PHE A 338 11.30 25.63 2.20
C PHE A 338 12.23 26.13 3.31
N GLU A 339 13.50 26.38 2.98
CA GLU A 339 14.38 26.99 3.97
C GLU A 339 13.91 28.39 4.34
N SER A 340 13.29 29.09 3.39
CA SER A 340 12.76 30.42 3.62
C SER A 340 11.64 30.40 4.66
N ILE A 341 10.50 29.79 4.30
CA ILE A 341 9.31 29.83 5.15
C ILE A 341 9.32 28.81 6.27
N GLY A 342 10.25 27.86 6.28
CA GLY A 342 10.17 26.73 7.19
C GLY A 342 10.79 26.98 8.55
N LYS A 343 10.26 26.28 9.56
CA LYS A 343 10.69 26.41 10.94
C LYS A 343 11.35 25.10 11.36
N LYS A 344 12.61 25.17 11.77
CA LYS A 344 13.34 23.97 12.16
C LYS A 344 12.83 23.43 13.49
N GLU A 345 12.73 22.11 13.60
CA GLU A 345 12.10 21.49 14.76
C GLU A 345 12.64 20.08 14.93
N LYS A 346 12.69 19.64 16.18
CA LYS A 346 13.11 18.29 16.52
C LYS A 346 11.86 17.44 16.73
N ILE A 347 11.82 16.28 16.07
CA ILE A 347 10.69 15.35 16.22
C ILE A 347 11.23 13.97 16.57
N THR A 348 10.48 13.25 17.39
CA THR A 348 10.80 11.88 17.77
C THR A 348 9.67 11.00 17.27
N GLY A 349 10.01 9.93 16.59
CA GLY A 349 9.01 9.05 16.02
C GLY A 349 9.63 7.70 15.81
N GLY A 350 9.17 7.01 14.80
CA GLY A 350 9.72 5.71 14.47
C GLY A 350 8.67 4.70 14.07
N GLY A 351 8.99 3.43 14.26
CA GLY A 351 8.11 2.35 13.90
C GLY A 351 8.63 1.09 14.54
N PHE A 352 8.36 -0.07 13.94
CA PHE A 352 8.74 -1.32 14.59
C PHE A 352 10.25 -1.37 14.86
N ASN A 353 10.59 -1.47 16.14
CA ASN A 353 11.96 -1.63 16.65
C ASN A 353 12.89 -0.47 16.27
N HIS A 354 12.37 0.72 16.06
CA HIS A 354 13.27 1.87 15.91
C HIS A 354 12.58 3.15 16.35
N VAL A 355 13.18 3.82 17.33
CA VAL A 355 12.76 5.15 17.75
C VAL A 355 13.82 6.12 17.28
N VAL A 356 13.44 7.02 16.37
CA VAL A 356 14.34 7.99 15.77
C VAL A 356 14.02 9.38 16.28
N THR A 357 15.06 10.16 16.56
CA THR A 357 14.93 11.58 16.83
C THR A 357 15.79 12.31 15.81
N LYS A 358 15.20 13.29 15.13
CA LYS A 358 15.90 13.98 14.05
C LYS A 358 15.40 15.42 13.98
N ASP A 359 16.15 16.24 13.25
CA ASP A 359 15.70 17.57 12.87
C ASP A 359 14.82 17.49 11.62
N ILE A 360 13.75 18.27 11.62
CA ILE A 360 12.88 18.42 10.46
C ILE A 360 12.55 19.90 10.27
N LEU A 361 11.76 20.16 9.24
CA LEU A 361 11.24 21.49 8.94
C LEU A 361 9.72 21.41 9.02
N ARG A 362 9.12 22.38 9.70
CA ARG A 362 7.67 22.55 9.70
C ARG A 362 7.31 23.68 8.73
N LEU A 363 6.47 23.38 7.77
CA LEU A 363 5.95 24.45 6.93
C LEU A 363 4.67 24.99 7.55
N PRO A 364 4.53 26.31 7.71
CA PRO A 364 3.29 26.85 8.29
C PRO A 364 2.04 26.36 7.59
N SER A 365 2.10 26.21 6.27
CA SER A 365 0.93 25.86 5.50
C SER A 365 1.39 25.39 4.13
N PHE A 366 0.76 24.32 3.64
CA PHE A 366 1.12 23.76 2.34
C PHE A 366 -0.16 23.32 1.65
N ASP A 367 -0.44 23.94 0.51
CA ASP A 367 -1.66 23.67 -0.26
C ASP A 367 -1.38 22.65 -1.35
N MSE A 368 -2.20 21.61 -1.39
CA MSE A 368 -2.10 20.64 -2.45
C MSE A 368 -3.46 20.27 -3.02
O MSE A 368 -4.45 20.12 -2.30
CB MSE A 368 -1.41 19.38 -1.94
CG MSE A 368 -2.02 18.82 -0.69
SE MSE A 368 -1.42 17.02 -0.51
CE MSE A 368 0.23 17.23 -1.55
N GLU A 369 -3.50 20.15 -4.34
CA GLU A 369 -4.71 19.85 -5.07
C GLU A 369 -4.80 18.34 -5.26
N ILE A 370 -5.90 17.74 -4.81
CA ILE A 370 -6.16 16.32 -4.96
C ILE A 370 -7.43 16.21 -5.80
N GLY A 371 -7.26 15.97 -7.08
CA GLY A 371 -8.40 16.02 -7.97
C GLY A 371 -8.99 17.42 -7.99
N ASP A 372 -10.31 17.48 -7.86
CA ASP A 372 -11.05 18.75 -7.88
C ASP A 372 -10.96 19.51 -6.56
N ALA A 373 -10.26 18.97 -5.56
CA ALA A 373 -10.27 19.49 -4.20
C ALA A 373 -8.88 20.00 -3.81
N THR A 374 -8.85 20.87 -2.79
CA THR A 374 -7.61 21.40 -2.25
C THR A 374 -7.51 21.02 -0.78
N ALA A 375 -6.43 20.34 -0.43
CA ALA A 375 -6.14 20.05 0.97
C ALA A 375 -5.20 21.13 1.50
N HIS A 376 -5.51 21.66 2.67
CA HIS A 376 -4.71 22.72 3.30
C HIS A 376 -4.00 22.10 4.50
N LEU A 377 -2.73 21.74 4.32
CA LEU A 377 -1.96 21.13 5.40
C LEU A 377 -1.21 22.21 6.17
N LYS A 378 -1.51 22.34 7.46
CA LYS A 378 -0.84 23.28 8.33
C LYS A 378 0.23 22.57 9.16
N ASN A 379 1.31 23.29 9.46
CA ASN A 379 2.37 22.77 10.31
C ASN A 379 2.94 21.47 9.76
N LEU A 380 3.20 21.46 8.45
CA LEU A 380 3.51 20.22 7.74
C LEU A 380 4.98 19.86 7.94
N ALA A 381 5.23 18.67 8.47
CA ALA A 381 6.59 18.20 8.66
C ALA A 381 7.28 17.91 7.33
N VAL A 382 8.58 18.21 7.25
CA VAL A 382 9.35 18.01 6.03
C VAL A 382 10.73 17.48 6.43
N ASP A 383 11.06 16.29 5.96
CA ASP A 383 12.40 15.75 6.14
C ASP A 383 13.42 16.60 5.40
N ILE A 384 14.48 17.00 6.12
CA ILE A 384 15.57 17.78 5.52
C ILE A 384 16.77 16.92 5.19
N THR A 385 16.71 15.63 5.51
CA THR A 385 17.79 14.68 5.37
C THR A 385 17.18 13.37 4.90
N PRO A 386 17.85 12.64 4.00
CA PRO A 386 17.36 11.31 3.62
C PRO A 386 17.15 10.43 4.84
N ASN A 387 15.97 9.83 4.92
CA ASN A 387 15.58 9.15 6.15
C ASN A 387 15.65 7.63 6.05
N GLY A 388 16.82 7.12 5.65
CA GLY A 388 17.04 5.69 5.68
C GLY A 388 16.00 4.85 4.94
N ILE A 389 15.40 5.43 3.91
CA ILE A 389 14.52 4.69 3.03
C ILE A 389 14.94 5.05 1.61
N PRO A 390 15.20 4.07 0.73
CA PRO A 390 15.40 4.39 -0.69
C PRO A 390 14.29 5.29 -1.21
N ALA A 391 14.66 6.50 -1.62
CA ALA A 391 13.68 7.51 -2.00
C ALA A 391 12.76 6.98 -3.09
N GLU A 392 11.46 7.16 -2.88
CA GLU A 392 10.50 6.82 -3.93
C GLU A 392 9.40 7.86 -4.00
N ASP A 393 8.67 8.06 -2.91
CA ASP A 393 7.55 9.00 -2.89
C ASP A 393 8.02 10.38 -2.46
N ASP A 394 7.20 11.39 -2.77
CA ASP A 394 7.44 12.75 -2.33
C ASP A 394 6.93 13.02 -0.94
N GLY A 395 6.22 12.06 -0.34
CA GLY A 395 5.64 12.29 0.97
C GLY A 395 4.67 11.19 1.33
N ASN A 396 4.04 11.39 2.49
CA ASN A 396 3.16 10.41 3.10
C ASN A 396 1.97 11.21 3.65
N ILE A 397 0.83 11.10 2.98
CA ILE A 397 -0.35 11.87 3.34
C ILE A 397 -1.26 10.99 4.21
N GLY A 398 -1.67 11.53 5.38
CA GLY A 398 -2.42 10.77 6.35
C GLY A 398 -3.65 11.53 6.84
N MSE A 399 -3.89 11.42 8.15
CA MSE A 399 -5.11 11.93 8.76
C MSE A 399 -5.25 13.46 8.76
O MSE A 399 -6.39 13.96 8.88
CB MSE A 399 -5.21 11.40 10.19
CG MSE A 399 -5.36 9.89 10.29
SE MSE A 399 -7.00 9.18 9.44
CE MSE A 399 -8.33 10.28 10.40
N ASP A 400 -4.15 14.20 8.65
CA ASP A 400 -4.26 15.65 8.57
C ASP A 400 -5.05 16.08 7.34
N MSE A 401 -5.05 15.27 6.29
CA MSE A 401 -5.87 15.55 5.11
C MSE A 401 -7.29 15.01 5.28
O MSE A 401 -8.24 15.72 5.01
CB MSE A 401 -5.25 14.95 3.87
CG MSE A 401 -6.14 15.01 2.65
SE MSE A 401 -5.80 13.49 1.49
CE MSE A 401 -7.18 12.29 2.14
N ILE A 402 -7.39 13.76 5.72
CA ILE A 402 -8.70 13.09 5.81
C ILE A 402 -9.68 13.88 6.66
N ASN A 403 -9.22 14.40 7.80
CA ASN A 403 -10.14 15.02 8.74
C ASN A 403 -10.72 16.35 8.24
N GLN A 404 -10.15 16.95 7.20
CA GLN A 404 -10.70 18.23 6.75
C GLN A 404 -11.73 18.07 5.63
N PHE A 405 -12.31 16.88 5.47
CA PHE A 405 -13.36 16.63 4.49
C PHE A 405 -14.52 15.88 5.14
N ASP A 406 -15.68 16.03 4.51
CA ASP A 406 -16.89 15.37 4.97
C ASP A 406 -17.02 13.95 4.44
N CYS A 407 -16.40 13.67 3.30
CA CYS A 407 -16.46 12.35 2.70
C CYS A 407 -15.19 12.07 1.90
N VAL A 408 -14.47 11.04 2.28
CA VAL A 408 -13.27 10.60 1.59
C VAL A 408 -13.59 9.27 0.90
N THR A 409 -13.60 9.28 -0.43
CA THR A 409 -13.98 8.12 -1.23
C THR A 409 -12.70 7.45 -1.71
N ILE A 410 -12.39 6.29 -1.15
CA ILE A 410 -11.31 5.45 -1.62
C ILE A 410 -11.94 4.40 -2.53
N ASN A 411 -11.66 4.50 -3.83
CA ASN A 411 -12.17 3.55 -4.80
C ASN A 411 -11.01 2.74 -5.36
N LEU A 412 -11.00 1.43 -5.09
CA LEU A 412 -9.93 0.55 -5.54
C LEU A 412 -10.25 -0.15 -6.86
N LYS A 413 -11.54 -0.34 -7.18
CA LYS A 413 -11.88 -0.93 -8.46
C LYS A 413 -11.34 -0.10 -9.61
N ASP A 414 -11.56 1.21 -9.56
CA ASP A 414 -11.09 2.12 -10.59
C ASP A 414 -9.93 2.99 -10.15
N MSE A 415 -9.44 2.80 -8.93
CA MSE A 415 -8.22 3.44 -8.46
C MSE A 415 -8.27 4.97 -8.46
O MSE A 415 -7.51 5.62 -9.18
CB MSE A 415 -7.05 2.93 -9.31
CG MSE A 415 -6.75 1.46 -9.10
SE MSE A 415 -6.32 1.04 -7.24
CE MSE A 415 -4.47 1.62 -7.23
N PHE A 416 -9.16 5.54 -7.65
CA PHE A 416 -9.18 6.99 -7.47
C PHE A 416 -9.50 7.36 -6.02
N LEU A 417 -9.02 8.52 -5.61
CA LEU A 417 -9.39 9.13 -4.35
C LEU A 417 -10.23 10.35 -4.64
N LYS A 418 -11.37 10.47 -3.96
CA LYS A 418 -12.25 11.62 -4.10
C LYS A 418 -12.49 12.22 -2.73
N LEU A 419 -12.41 13.55 -2.65
CA LEU A 419 -12.60 14.28 -1.42
C LEU A 419 -13.71 15.31 -1.63
N GLU A 420 -14.72 15.28 -0.76
CA GLU A 420 -15.81 16.26 -0.82
C GLU A 420 -15.99 16.91 0.54
#